data_8QG4
#
_entry.id   8QG4
#
_cell.length_a   63.291
_cell.length_b   74.997
_cell.length_c   118.587
_cell.angle_alpha   90.000
_cell.angle_beta   90.000
_cell.angle_gamma   90.000
#
_symmetry.space_group_name_H-M   'I 2 2 2'
#
loop_
_entity.id
_entity.type
_entity.pdbx_description
1 polymer 'NAD kinase 1'
2 non-polymer 'CITRIC ACID'
3 non-polymer 1-[[(2~{R},3~{S},4~{R},5~{R})-5-[8-[3-[[(2~{R},3~{S},4~{R},5~{R})-5-(6-aminopurin-9-yl)-3,4-bis(oxidanyl)oxolan-2-yl]methyl-(3-azanylpropyl)amino]prop-1-ynyl]-6-azanyl-purin-9-yl]-3,4-bis(oxidanyl)oxolan-2-yl]methyl]-3-ethyl-urea
4 non-polymer GLYCEROL
5 water water
#
_entity_poly.entity_id   1
_entity_poly.type   'polypeptide(L)'
_entity_poly.pdbx_seq_one_letter_code
;MKYMITSKGDEKSDLLRLNMIAGFGEYDMEYDDVEPEIVISIGGDGTFLSAFHQYEERLDEIAFIGIHTGHLGFYADWRP
AEADKLVKLLAKGEYQKVSYPLLKTTVKYGIGKKEATYLALNESTVKSSGGPFVVDVVINDIHFERFRGDGLCMSTPSGT
TAYNKSLGGALMHPSIEAMQLTEMASINNRVYRTIGSPLVFPKHHVVSLQPVNDKDFQISVDHLSILHRDVQEIRYEVSA
KKIHFARFRSFPFWRRVHDSFIEDLEHHHHHH
;
_entity_poly.pdbx_strand_id   A
#
loop_
_chem_comp.id
_chem_comp.type
_chem_comp.name
_chem_comp.formula
CIT non-polymer 'CITRIC ACID' 'C6 H8 O7'
GOL non-polymer GLYCEROL 'C3 H8 O3'
UZ6 non-polymer 1-[[(2~{R},3~{S},4~{R},5~{R})-5-[8-[3-[[(2~{R},3~{S},4~{R},5~{R})-5-(6-aminopurin-9-yl)-3,4-bis(oxidanyl)oxolan-2-yl]methyl-(3-azanylpropyl)amino]prop-1-ynyl]-6-azanyl-purin-9-yl]-3,4-bis(oxidanyl)oxolan-2-yl]methyl]-3-ethyl-urea 'C29 H40 N14 O7'
#
# COMPACT_ATOMS: atom_id res chain seq x y z
N MET A 1 -14.15 5.58 -21.83
CA MET A 1 -13.49 6.75 -21.26
C MET A 1 -11.97 6.72 -21.47
N LYS A 2 -11.27 7.70 -20.89
CA LYS A 2 -9.82 7.70 -20.93
C LYS A 2 -9.29 6.57 -20.06
N TYR A 3 -8.31 5.83 -20.59
CA TYR A 3 -7.70 4.72 -19.85
C TYR A 3 -6.22 4.67 -20.17
N MET A 4 -5.45 3.97 -19.33
CA MET A 4 -4.10 3.59 -19.73
C MET A 4 -3.80 2.20 -19.16
N ILE A 5 -2.70 1.61 -19.64
CA ILE A 5 -2.33 0.25 -19.24
C ILE A 5 -0.84 0.22 -18.96
N THR A 6 -0.45 -0.22 -17.74
CA THR A 6 0.94 -0.42 -17.43
C THR A 6 1.25 -1.89 -17.53
N SER A 7 2.50 -2.21 -17.83
CA SER A 7 2.93 -3.59 -17.98
C SER A 7 4.16 -3.84 -17.13
N LYS A 8 4.23 -5.02 -16.53
CA LYS A 8 5.48 -5.46 -15.90
C LYS A 8 6.65 -5.50 -16.90
N GLY A 9 6.38 -5.62 -18.19
CA GLY A 9 7.49 -5.58 -19.14
C GLY A 9 8.07 -6.91 -19.60
N ASP A 10 7.58 -8.04 -19.12
CA ASP A 10 7.93 -9.25 -19.84
C ASP A 10 7.08 -9.37 -21.10
N GLU A 11 7.42 -10.37 -21.92
CA GLU A 11 6.73 -10.56 -23.19
C GLU A 11 5.25 -10.85 -22.98
N LYS A 12 4.91 -11.68 -21.99
CA LYS A 12 3.51 -12.01 -21.76
C LYS A 12 2.70 -10.77 -21.46
N SER A 13 3.22 -9.89 -20.60
CA SER A 13 2.48 -8.71 -20.20
C SER A 13 2.40 -7.68 -21.32
N ASP A 14 3.49 -7.48 -22.06
CA ASP A 14 3.47 -6.50 -23.13
C ASP A 14 2.47 -6.89 -24.20
N LEU A 15 2.43 -8.18 -24.53
CA LEU A 15 1.54 -8.67 -25.56
C LEU A 15 0.09 -8.55 -25.13
N LEU A 16 -0.19 -8.94 -23.88
CA LEU A 16 -1.54 -8.78 -23.34
C LEU A 16 -1.95 -7.30 -23.38
N ARG A 17 -1.02 -6.42 -23.03
CA ARG A 17 -1.34 -4.98 -23.09
C ARG A 17 -1.63 -4.54 -24.52
N LEU A 18 -0.82 -4.98 -25.48
CA LEU A 18 -1.08 -4.60 -26.87
C LEU A 18 -2.44 -5.12 -27.37
N ASN A 19 -2.79 -6.33 -26.96
CA ASN A 19 -4.08 -6.90 -27.37
C ASN A 19 -5.25 -6.20 -26.71
N MET A 20 -5.10 -5.76 -25.44
CA MET A 20 -6.20 -5.02 -24.83
C MET A 20 -6.37 -3.66 -25.48
N ILE A 21 -5.27 -2.99 -25.81
CA ILE A 21 -5.36 -1.74 -26.54
C ILE A 21 -6.09 -1.97 -27.85
N ALA A 22 -5.76 -3.04 -28.56
CA ALA A 22 -6.43 -3.25 -29.83
C ALA A 22 -7.93 -3.45 -29.60
N GLY A 23 -8.30 -4.16 -28.52
CA GLY A 23 -9.71 -4.39 -28.25
C GLY A 23 -10.43 -3.14 -27.80
N PHE A 24 -9.75 -2.29 -27.03
CA PHE A 24 -10.34 -1.02 -26.66
C PHE A 24 -10.53 -0.13 -27.88
N GLY A 25 -9.71 -0.30 -28.92
CA GLY A 25 -9.89 0.49 -30.11
C GLY A 25 -11.22 0.26 -30.79
N GLU A 26 -11.92 -0.82 -30.43
CA GLU A 26 -13.24 -1.09 -30.98
C GLU A 26 -14.37 -0.40 -30.21
N TYR A 27 -14.06 0.44 -29.22
CA TYR A 27 -15.02 1.13 -28.35
C TYR A 27 -14.68 2.63 -28.23
N ASP A 28 -15.61 3.39 -27.64
CA ASP A 28 -15.36 4.81 -27.38
C ASP A 28 -14.37 4.94 -26.25
N MET A 29 -13.12 4.61 -26.51
CA MET A 29 -12.12 4.61 -25.46
C MET A 29 -10.86 5.23 -26.01
N GLU A 30 -10.29 6.17 -25.26
CA GLU A 30 -9.13 6.93 -25.70
C GLU A 30 -7.97 6.57 -24.79
N TYR A 31 -6.85 6.11 -25.37
CA TYR A 31 -5.66 5.86 -24.56
C TYR A 31 -5.05 7.20 -24.14
N ASP A 32 -4.94 7.43 -22.83
CA ASP A 32 -4.41 8.71 -22.32
C ASP A 32 -3.74 8.41 -21.00
N ASP A 33 -2.41 8.51 -20.98
CA ASP A 33 -1.73 8.25 -19.71
C ASP A 33 -1.42 9.54 -18.95
N VAL A 34 -1.96 10.68 -19.39
CA VAL A 34 -1.88 11.89 -18.57
C VAL A 34 -3.08 12.01 -17.65
N GLU A 35 -4.30 11.88 -18.15
CA GLU A 35 -5.52 11.99 -17.33
C GLU A 35 -6.44 10.79 -17.56
N PRO A 36 -5.96 9.58 -17.27
CA PRO A 36 -6.86 8.41 -17.33
C PRO A 36 -7.98 8.47 -16.32
N GLU A 37 -9.10 7.85 -16.67
CA GLU A 37 -10.10 7.55 -15.65
C GLU A 37 -10.04 6.09 -15.20
N ILE A 38 -9.39 5.24 -15.98
CA ILE A 38 -9.17 3.84 -15.65
C ILE A 38 -7.71 3.55 -15.85
N VAL A 39 -7.09 2.91 -14.87
CA VAL A 39 -5.69 2.49 -14.91
C VAL A 39 -5.67 0.98 -14.75
N ILE A 40 -5.23 0.26 -15.80
CA ILE A 40 -5.08 -1.19 -15.77
C ILE A 40 -3.62 -1.54 -15.60
N SER A 41 -3.32 -2.37 -14.62
CA SER A 41 -1.98 -2.83 -14.34
C SER A 41 -1.87 -4.29 -14.74
N ILE A 42 -0.91 -4.64 -15.60
CA ILE A 42 -0.73 -6.03 -16.02
C ILE A 42 0.59 -6.53 -15.48
N GLY A 43 0.53 -7.43 -14.50
CA GLY A 43 1.78 -7.87 -13.92
C GLY A 43 1.54 -8.62 -12.63
N GLY A 44 2.08 -8.06 -11.57
CA GLY A 44 1.98 -8.62 -10.25
C GLY A 44 1.60 -7.49 -9.32
N ASP A 45 1.71 -7.71 -8.00
CA ASP A 45 1.37 -6.66 -7.07
C ASP A 45 2.37 -5.52 -7.11
N GLY A 46 3.65 -5.83 -7.37
CA GLY A 46 4.64 -4.77 -7.55
C GLY A 46 4.28 -3.84 -8.68
N THR A 47 3.84 -4.41 -9.83
CA THR A 47 3.35 -3.60 -10.93
C THR A 47 2.19 -2.74 -10.52
N PHE A 48 1.26 -3.32 -9.73
CA PHE A 48 0.11 -2.58 -9.30
C PHE A 48 0.52 -1.42 -8.40
N LEU A 49 1.46 -1.67 -7.49
CA LEU A 49 1.90 -0.62 -6.59
C LEU A 49 2.55 0.51 -7.36
N SER A 50 3.30 0.17 -8.42
CA SER A 50 3.92 1.22 -9.22
C SER A 50 2.86 2.05 -9.96
N ALA A 51 1.80 1.41 -10.43
CA ALA A 51 0.73 2.16 -11.08
C ALA A 51 0.07 3.09 -10.09
N PHE A 52 -0.18 2.61 -8.87
CA PHE A 52 -0.76 3.46 -7.84
C PHE A 52 0.09 4.71 -7.63
N HIS A 53 1.39 4.51 -7.50
CA HIS A 53 2.24 5.68 -7.23
C HIS A 53 2.37 6.59 -8.43
N GLN A 54 2.26 6.02 -9.64
CA GLN A 54 2.34 6.86 -10.83
C GLN A 54 1.17 7.83 -10.89
N TYR A 55 0.04 7.48 -10.25
CA TYR A 55 -1.15 8.32 -10.34
C TYR A 55 -1.63 8.79 -8.97
N GLU A 56 -0.71 8.87 -8.00
CA GLU A 56 -1.17 9.15 -6.63
C GLU A 56 -1.74 10.56 -6.47
N GLU A 57 -1.56 11.42 -7.45
CA GLU A 57 -2.11 12.76 -7.38
C GLU A 57 -3.49 12.88 -8.03
N ARG A 58 -4.00 11.80 -8.64
CA ARG A 58 -5.34 11.85 -9.24
C ARG A 58 -6.19 10.68 -8.76
N LEU A 59 -5.98 10.24 -7.52
CA LEU A 59 -6.67 9.05 -7.06
C LEU A 59 -8.16 9.25 -6.98
N ASP A 60 -8.64 10.47 -6.89
CA ASP A 60 -10.08 10.61 -6.84
C ASP A 60 -10.72 10.57 -8.23
N GLU A 61 -9.92 10.62 -9.27
CA GLU A 61 -10.39 10.63 -10.62
C GLU A 61 -10.25 9.27 -11.31
N ILE A 62 -9.68 8.27 -10.65
CA ILE A 62 -9.21 7.06 -11.29
C ILE A 62 -9.82 5.83 -10.62
N ALA A 63 -10.23 4.84 -11.43
CA ALA A 63 -10.46 3.51 -10.89
C ALA A 63 -9.39 2.58 -11.43
N PHE A 64 -8.83 1.75 -10.54
CA PHE A 64 -7.72 0.82 -10.83
C PHE A 64 -8.24 -0.59 -11.05
N ILE A 65 -7.59 -1.34 -11.96
CA ILE A 65 -7.85 -2.76 -12.17
C ILE A 65 -6.50 -3.47 -12.31
N GLY A 66 -6.35 -4.62 -11.67
CA GLY A 66 -5.12 -5.41 -11.76
C GLY A 66 -5.35 -6.75 -12.43
N ILE A 67 -4.49 -7.08 -13.40
CA ILE A 67 -4.48 -8.38 -14.04
C ILE A 67 -3.19 -9.06 -13.64
N HIS A 68 -3.25 -10.31 -13.16
CA HIS A 68 -2.03 -10.97 -12.70
C HIS A 68 -1.59 -11.95 -13.77
N THR A 69 -0.36 -11.80 -14.24
CA THR A 69 0.14 -12.68 -15.27
C THR A 69 1.03 -13.77 -14.70
N GLY A 70 1.46 -13.61 -13.45
CA GLY A 70 1.99 -14.69 -12.65
C GLY A 70 0.94 -15.28 -11.74
N HIS A 71 1.36 -15.82 -10.61
CA HIS A 71 0.37 -16.33 -9.68
C HIS A 71 -0.47 -15.18 -9.10
N LEU A 72 -1.62 -15.54 -8.54
CA LEU A 72 -2.58 -14.57 -8.03
C LEU A 72 -1.89 -13.50 -7.19
N GLY A 73 -2.07 -12.24 -7.60
CA GLY A 73 -1.64 -11.10 -6.83
C GLY A 73 -2.84 -10.61 -6.05
N PHE A 74 -2.57 -9.95 -4.93
CA PHE A 74 -3.66 -9.55 -4.09
C PHE A 74 -4.40 -8.34 -4.61
N TYR A 75 -3.74 -7.48 -5.37
CA TYR A 75 -4.46 -6.40 -5.98
C TYR A 75 -5.00 -6.82 -7.38
N ALA A 76 -4.83 -8.08 -7.76
CA ALA A 76 -5.34 -8.63 -9.05
C ALA A 76 -6.77 -9.17 -8.91
N ASP A 77 -7.66 -8.74 -9.82
CA ASP A 77 -8.97 -9.38 -9.92
C ASP A 77 -9.15 -10.30 -11.10
N TRP A 78 -8.25 -10.23 -12.08
CA TRP A 78 -8.44 -10.92 -13.34
C TRP A 78 -7.19 -11.71 -13.67
N ARG A 79 -7.39 -12.83 -14.27
CA ARG A 79 -6.40 -13.65 -14.94
C ARG A 79 -6.28 -13.20 -16.39
N PRO A 80 -5.14 -13.42 -17.02
CA PRO A 80 -4.98 -12.95 -18.40
C PRO A 80 -6.06 -13.47 -19.33
N ALA A 81 -6.60 -14.65 -19.03
CA ALA A 81 -7.59 -15.25 -19.91
C ALA A 81 -8.89 -14.49 -19.90
N GLU A 82 -9.14 -13.65 -18.89
CA GLU A 82 -10.36 -12.84 -18.83
C GLU A 82 -10.19 -11.44 -19.42
N ALA A 83 -9.07 -11.17 -20.10
CA ALA A 83 -8.83 -9.80 -20.57
C ALA A 83 -9.91 -9.34 -21.53
N ASP A 84 -10.31 -10.20 -22.47
CA ASP A 84 -11.32 -9.77 -23.44
C ASP A 84 -12.64 -9.51 -22.74
N LYS A 85 -12.97 -10.36 -21.76
CA LYS A 85 -14.19 -10.13 -21.00
C LYS A 85 -14.11 -8.79 -20.28
N LEU A 86 -12.92 -8.47 -19.76
CA LEU A 86 -12.68 -7.20 -19.07
C LEU A 86 -12.87 -6.01 -20.00
N VAL A 87 -12.25 -6.06 -21.18
CA VAL A 87 -12.37 -4.98 -22.16
C VAL A 87 -13.85 -4.66 -22.39
N LYS A 88 -14.63 -5.69 -22.71
CA LYS A 88 -16.05 -5.51 -22.96
C LYS A 88 -16.76 -4.91 -21.76
N LEU A 89 -16.46 -5.38 -20.55
CA LEU A 89 -17.21 -4.88 -19.40
C LEU A 89 -16.84 -3.44 -19.09
N LEU A 90 -15.54 -3.12 -19.11
CA LEU A 90 -15.13 -1.73 -18.91
C LEU A 90 -15.72 -0.83 -19.97
N ALA A 91 -15.76 -1.31 -21.21
CA ALA A 91 -16.30 -0.56 -22.33
C ALA A 91 -17.66 0.00 -21.94
N LYS A 92 -18.63 -0.90 -21.74
CA LYS A 92 -19.96 -0.44 -21.31
C LYS A 92 -19.85 0.49 -20.11
N GLY A 93 -19.04 0.13 -19.13
CA GLY A 93 -18.99 0.85 -17.89
C GLY A 93 -20.06 0.34 -16.95
N GLU A 94 -20.72 1.27 -16.24
CA GLU A 94 -21.78 0.98 -15.27
C GLU A 94 -21.32 0.09 -14.11
N TYR A 95 -20.01 -0.17 -14.01
CA TYR A 95 -19.42 -0.96 -12.93
C TYR A 95 -19.46 -0.17 -11.62
N GLN A 96 -19.29 -0.88 -10.51
CA GLN A 96 -19.25 -0.21 -9.23
C GLN A 96 -17.80 -0.07 -8.75
N LYS A 97 -17.57 0.95 -7.95
CA LYS A 97 -16.25 1.22 -7.42
C LYS A 97 -16.24 0.82 -5.95
N VAL A 98 -15.12 0.24 -5.51
CA VAL A 98 -14.88 -0.03 -4.10
C VAL A 98 -13.63 0.74 -3.71
N SER A 99 -13.59 1.18 -2.45
CA SER A 99 -12.54 2.04 -1.97
C SER A 99 -11.81 1.34 -0.83
N TYR A 100 -10.51 1.43 -0.84
CA TYR A 100 -9.73 0.95 0.32
C TYR A 100 -9.01 2.12 0.96
N PRO A 101 -8.73 2.05 2.26
CA PRO A 101 -8.05 3.16 2.92
C PRO A 101 -6.56 3.17 2.64
N LEU A 102 -5.94 4.36 2.83
CA LEU A 102 -4.52 4.54 2.60
C LEU A 102 -3.85 5.11 3.85
N LEU A 103 -2.51 5.05 3.85
CA LEU A 103 -1.70 5.52 4.98
C LEU A 103 -0.91 6.77 4.59
N LYS A 104 -1.01 7.82 5.41
CA LYS A 104 -0.22 9.04 5.21
C LYS A 104 0.98 9.02 6.15
N THR A 105 2.18 9.16 5.59
CA THR A 105 3.41 9.31 6.38
C THR A 105 3.93 10.74 6.22
N THR A 106 4.22 11.44 7.33
CA THR A 106 4.83 12.75 7.24
C THR A 106 6.20 12.67 7.89
N VAL A 107 7.22 13.16 7.19
CA VAL A 107 8.59 13.20 7.70
C VAL A 107 8.97 14.66 7.90
N LYS A 108 9.27 15.02 9.14
CA LYS A 108 9.71 16.37 9.48
C LYS A 108 11.21 16.37 9.73
N TYR A 109 11.87 17.49 9.37
CA TYR A 109 13.33 17.69 9.47
C TYR A 109 13.81 18.88 10.30
N GLY A 110 14.88 19.53 9.82
CA GLY A 110 15.39 20.73 10.46
C GLY A 110 16.15 21.73 9.59
N LYS A 114 10.83 21.92 5.14
CA LYS A 114 11.34 20.85 5.99
C LYS A 114 10.26 19.81 6.36
N GLU A 115 9.44 19.40 5.39
CA GLU A 115 8.46 18.34 5.63
C GLU A 115 8.06 17.65 4.33
N ALA A 116 8.12 16.32 4.30
CA ALA A 116 7.76 15.52 3.15
C ALA A 116 6.59 14.62 3.53
N THR A 117 5.63 14.43 2.61
CA THR A 117 4.56 13.48 2.88
C THR A 117 4.55 12.39 1.82
N TYR A 118 4.03 11.24 2.21
CA TYR A 118 4.01 10.08 1.35
C TYR A 118 2.70 9.36 1.56
N LEU A 119 2.17 8.77 0.49
CA LEU A 119 1.00 7.93 0.63
C LEU A 119 1.36 6.46 0.38
N ALA A 120 0.87 5.56 1.23
CA ALA A 120 1.14 4.12 1.05
C ALA A 120 -0.16 3.31 0.87
N LEU A 121 -0.10 2.32 -0.04
CA LEU A 121 -1.16 1.34 -0.28
C LEU A 121 -0.90 0.09 0.55
N ASN A 122 0.38 -0.31 0.68
CA ASN A 122 0.66 -1.44 1.52
C ASN A 122 1.12 -0.96 2.91
N GLU A 123 2.28 -0.34 2.98
CA GLU A 123 2.78 0.04 4.32
C GLU A 123 3.90 1.05 4.21
N SER A 124 4.28 1.60 5.36
CA SER A 124 5.49 2.42 5.45
C SER A 124 6.29 1.82 6.58
N THR A 125 7.57 1.60 6.36
CA THR A 125 8.39 1.06 7.45
C THR A 125 9.53 2.03 7.74
N VAL A 126 10.10 1.88 8.92
CA VAL A 126 11.24 2.68 9.30
C VAL A 126 12.29 1.78 9.94
N LYS A 127 13.53 1.95 9.54
CA LYS A 127 14.71 1.32 10.13
C LYS A 127 15.81 2.36 10.31
N SER A 128 16.87 2.00 11.01
CA SER A 128 17.97 2.95 11.14
C SER A 128 18.79 3.01 9.85
N SER A 129 19.64 4.02 9.73
CA SER A 129 20.39 4.09 8.49
C SER A 129 21.68 3.29 8.68
N GLY A 130 21.62 2.23 9.48
CA GLY A 130 22.80 1.60 10.00
C GLY A 130 23.08 2.11 11.41
N GLY A 131 23.47 1.20 12.29
CA GLY A 131 23.56 1.54 13.70
C GLY A 131 22.23 1.24 14.36
N PRO A 132 22.17 1.29 15.69
CA PRO A 132 20.94 0.85 16.36
C PRO A 132 19.76 1.77 16.05
N PHE A 133 18.58 1.16 16.01
CA PHE A 133 17.32 1.84 15.82
C PHE A 133 16.69 2.05 17.18
N VAL A 134 16.53 3.31 17.59
CA VAL A 134 15.83 3.62 18.85
C VAL A 134 14.90 4.79 18.59
N VAL A 135 13.61 4.64 18.85
CA VAL A 135 12.69 5.76 18.71
C VAL A 135 11.71 5.77 19.86
N ASP A 136 11.27 6.97 20.26
CA ASP A 136 10.13 7.09 21.16
C ASP A 136 8.84 7.07 20.35
N VAL A 137 7.88 6.26 20.79
CA VAL A 137 6.61 6.09 20.09
C VAL A 137 5.57 6.91 20.86
N VAL A 138 4.94 7.89 20.19
CA VAL A 138 4.06 8.87 20.84
C VAL A 138 2.73 8.72 20.14
N ILE A 139 1.68 8.47 20.89
CA ILE A 139 0.37 8.23 20.31
C ILE A 139 -0.55 9.35 20.76
N ASN A 140 -1.06 10.16 19.82
CA ASN A 140 -1.89 11.30 20.19
C ASN A 140 -1.21 12.13 21.27
N ASP A 141 0.09 12.33 21.12
CA ASP A 141 0.90 13.15 22.07
C ASP A 141 1.17 12.48 23.42
N ILE A 142 0.82 11.24 23.60
CA ILE A 142 1.03 10.48 24.84
CA ILE A 142 1.16 10.61 24.87
C ILE A 142 2.27 9.59 24.62
N HIS A 143 3.33 9.74 25.42
CA HIS A 143 4.51 8.87 25.25
CA HIS A 143 4.50 8.89 25.25
C HIS A 143 4.13 7.45 25.62
N PHE A 144 4.22 6.56 24.63
CA PHE A 144 3.72 5.20 24.82
C PHE A 144 4.82 4.19 25.12
N GLU A 145 5.92 4.22 24.36
CA GLU A 145 7.01 3.30 24.64
C GLU A 145 8.26 3.84 23.95
N ARG A 146 9.42 3.40 24.42
CA ARG A 146 10.68 3.59 23.70
C ARG A 146 11.00 2.25 23.03
N PHE A 147 11.07 2.26 21.70
CA PHE A 147 11.27 1.06 20.90
C PHE A 147 12.74 0.93 20.52
N ARG A 148 13.34 -0.22 20.83
CA ARG A 148 14.71 -0.57 20.44
CA ARG A 148 14.70 -0.56 20.44
C ARG A 148 14.63 -1.89 19.71
N GLY A 149 15.19 -1.96 18.51
CA GLY A 149 15.05 -3.22 17.77
C GLY A 149 15.39 -2.97 16.31
N ASP A 150 14.82 -3.79 15.43
CA ASP A 150 15.23 -3.67 14.02
C ASP A 150 14.45 -2.59 13.27
N GLY A 151 13.21 -2.33 13.65
CA GLY A 151 12.38 -1.38 12.93
C GLY A 151 10.92 -1.52 13.29
N LEU A 152 10.11 -0.74 12.59
CA LEU A 152 8.66 -0.67 12.80
C LEU A 152 7.96 -0.67 11.43
N CYS A 153 6.77 -1.25 11.36
CA CYS A 153 6.00 -1.33 10.11
C CYS A 153 4.61 -0.80 10.38
N MET A 154 4.15 0.18 9.59
CA MET A 154 2.78 0.65 9.71
C MET A 154 2.04 0.27 8.43
N SER A 155 0.96 -0.50 8.58
CA SER A 155 0.24 -1.10 7.44
C SER A 155 -1.15 -0.51 7.26
N THR A 156 -1.58 -0.39 5.99
CA THR A 156 -3.00 -0.19 5.71
C THR A 156 -3.74 -1.53 5.84
N PRO A 157 -5.08 -1.49 5.79
CA PRO A 157 -5.86 -2.75 5.83
C PRO A 157 -5.47 -3.69 4.71
N SER A 158 -5.43 -3.21 3.47
CA SER A 158 -5.07 -4.14 2.39
C SER A 158 -3.59 -4.52 2.47
N GLY A 159 -2.76 -3.70 3.12
CA GLY A 159 -1.41 -4.20 3.35
C GLY A 159 -1.26 -5.19 4.48
N THR A 160 -2.33 -5.51 5.21
CA THR A 160 -2.12 -6.42 6.34
C THR A 160 -1.78 -7.83 5.89
N THR A 161 -2.06 -8.18 4.62
CA THR A 161 -1.68 -9.49 4.12
C THR A 161 -0.27 -9.49 3.52
N ALA A 162 0.47 -8.38 3.62
CA ALA A 162 1.80 -8.25 3.04
C ALA A 162 2.84 -8.28 4.17
N TYR A 163 3.80 -7.35 4.21
CA TYR A 163 4.83 -7.38 5.26
C TYR A 163 4.23 -7.52 6.64
N ASN A 164 3.14 -6.82 6.91
CA ASN A 164 2.48 -6.90 8.22
C ASN A 164 2.25 -8.37 8.64
N LYS A 165 1.77 -9.21 7.71
CA LYS A 165 1.49 -10.60 8.04
C LYS A 165 2.75 -11.30 8.52
N SER A 166 3.87 -11.08 7.81
CA SER A 166 5.13 -11.74 8.14
C SER A 166 5.67 -11.31 9.50
N LEU A 167 5.25 -10.15 9.99
CA LEU A 167 5.67 -9.61 11.29
C LEU A 167 4.71 -10.00 12.38
N GLY A 168 3.69 -10.81 12.06
CA GLY A 168 2.75 -11.33 13.04
C GLY A 168 1.51 -10.47 13.23
N GLY A 169 1.26 -9.51 12.33
CA GLY A 169 0.12 -8.62 12.41
C GLY A 169 -1.18 -9.36 12.13
N ALA A 170 -2.27 -8.76 12.54
CA ALA A 170 -3.61 -9.28 12.22
C ALA A 170 -3.93 -8.94 10.76
N LEU A 171 -4.73 -9.79 10.14
CA LEU A 171 -5.28 -9.45 8.82
C LEU A 171 -6.61 -8.73 9.03
N MET A 172 -6.78 -7.56 8.44
CA MET A 172 -7.97 -6.75 8.70
C MET A 172 -8.75 -6.50 7.42
N HIS A 173 -10.05 -6.67 7.51
CA HIS A 173 -10.89 -6.38 6.35
C HIS A 173 -10.71 -4.91 5.95
N PRO A 174 -10.58 -4.64 4.65
CA PRO A 174 -10.31 -3.26 4.17
C PRO A 174 -11.47 -2.28 4.32
N SER A 175 -12.67 -2.70 4.65
CA SER A 175 -13.66 -1.70 4.99
C SER A 175 -13.34 -1.01 6.32
N ILE A 176 -12.37 -1.48 7.08
CA ILE A 176 -12.10 -0.87 8.38
C ILE A 176 -11.11 0.26 8.16
N GLU A 177 -11.48 1.48 8.56
CA GLU A 177 -10.57 2.61 8.35
C GLU A 177 -9.54 2.66 9.49
N ALA A 178 -8.39 2.05 9.26
CA ALA A 178 -7.42 1.88 10.34
C ALA A 178 -6.03 1.73 9.75
N MET A 179 -5.02 1.80 10.62
CA MET A 179 -3.67 1.42 10.30
C MET A 179 -3.15 0.55 11.44
N GLN A 180 -2.18 -0.30 11.11
CA GLN A 180 -1.67 -1.27 12.06
C GLN A 180 -0.16 -1.21 12.18
N LEU A 181 0.30 -1.07 13.43
CA LEU A 181 1.73 -0.95 13.73
C LEU A 181 2.27 -2.27 14.27
N THR A 182 3.30 -2.83 13.58
CA THR A 182 3.96 -4.06 14.03
C THR A 182 5.43 -3.81 14.28
N GLU A 183 5.97 -4.58 15.22
CA GLU A 183 7.38 -4.52 15.60
C GLU A 183 8.23 -5.44 14.77
N MET A 184 9.47 -5.03 14.52
CA MET A 184 10.50 -5.90 13.95
C MET A 184 11.53 -6.14 15.03
N ALA A 185 11.59 -7.38 15.53
CA ALA A 185 12.61 -7.82 16.49
C ALA A 185 12.90 -6.79 17.59
N SER A 186 11.97 -6.53 18.48
CA SER A 186 12.32 -5.59 19.57
C SER A 186 13.12 -6.30 20.65
N ILE A 187 13.94 -5.54 21.39
CA ILE A 187 14.65 -6.11 22.51
C ILE A 187 13.75 -5.99 23.74
N ASN A 188 13.65 -7.04 24.54
CA ASN A 188 12.87 -6.94 25.79
C ASN A 188 13.61 -7.67 26.88
N ASN A 189 13.96 -6.91 27.91
CA ASN A 189 14.59 -7.49 29.07
C ASN A 189 14.11 -6.66 30.26
N ARG A 190 14.76 -6.78 31.40
CA ARG A 190 14.28 -6.00 32.53
C ARG A 190 14.49 -4.49 32.37
N VAL A 191 15.32 -4.05 31.42
CA VAL A 191 15.58 -2.63 31.20
C VAL A 191 14.86 -2.07 29.98
N TYR A 192 14.60 -2.88 28.95
CA TYR A 192 13.99 -2.42 27.72
C TYR A 192 12.62 -3.09 27.59
N ARG A 193 11.56 -2.32 27.33
CA ARG A 193 10.22 -2.92 27.26
C ARG A 193 9.37 -2.29 26.17
N THR A 194 8.79 -3.12 25.28
CA THR A 194 7.79 -2.66 24.34
C THR A 194 6.51 -3.47 24.52
N ILE A 195 5.47 -3.04 23.82
CA ILE A 195 4.16 -3.70 23.98
C ILE A 195 4.16 -5.10 23.35
N GLY A 196 4.99 -5.30 22.33
CA GLY A 196 5.16 -6.59 21.58
C GLY A 196 4.02 -6.80 20.59
N SER A 197 2.79 -6.66 21.06
CA SER A 197 1.58 -6.89 20.26
C SER A 197 1.45 -5.87 19.13
N PRO A 198 0.94 -6.30 17.98
CA PRO A 198 0.52 -5.31 16.96
C PRO A 198 -0.50 -4.37 17.58
N LEU A 199 -0.50 -3.12 17.14
CA LEU A 199 -1.48 -2.14 17.55
C LEU A 199 -2.30 -1.66 16.36
N VAL A 200 -3.61 -1.57 16.54
CA VAL A 200 -4.52 -1.11 15.47
C VAL A 200 -5.15 0.21 15.85
N PHE A 201 -4.95 1.23 15.01
CA PHE A 201 -5.36 2.60 15.22
C PHE A 201 -6.48 3.01 14.28
N PRO A 202 -7.47 3.74 14.79
CA PRO A 202 -8.55 4.29 13.96
C PRO A 202 -8.14 5.57 13.25
N LYS A 203 -9.01 6.00 12.35
CA LYS A 203 -8.90 7.33 11.76
C LYS A 203 -8.68 8.36 12.84
N HIS A 204 -7.85 9.36 12.52
CA HIS A 204 -7.67 10.55 13.34
C HIS A 204 -6.67 10.33 14.48
N HIS A 205 -6.34 9.09 14.81
CA HIS A 205 -5.23 8.91 15.72
C HIS A 205 -3.93 9.16 14.97
N VAL A 206 -2.95 9.74 15.66
CA VAL A 206 -1.68 10.06 15.07
C VAL A 206 -0.61 9.35 15.89
N VAL A 207 0.28 8.66 15.20
CA VAL A 207 1.38 7.94 15.79
C VAL A 207 2.64 8.63 15.31
N SER A 208 3.44 9.11 16.25
CA SER A 208 4.63 9.87 15.94
C SER A 208 5.86 9.12 16.46
N LEU A 209 6.90 8.98 15.64
CA LEU A 209 8.16 8.39 16.09
C LEU A 209 9.15 9.51 16.26
N GLN A 210 9.82 9.56 17.41
CA GLN A 210 10.70 10.65 17.68
C GLN A 210 12.09 10.07 17.96
N PRO A 211 13.12 10.52 17.27
CA PRO A 211 14.45 9.99 17.50
C PRO A 211 14.88 10.20 18.93
N VAL A 212 15.78 9.34 19.36
CA VAL A 212 16.39 9.38 20.67
C VAL A 212 17.85 9.78 20.59
N ASN A 213 18.61 9.17 19.68
CA ASN A 213 19.99 9.56 19.49
C ASN A 213 20.27 9.83 18.02
N ASP A 214 20.40 8.78 17.23
CA ASP A 214 20.63 8.94 15.80
C ASP A 214 19.39 9.52 15.15
N LYS A 215 19.59 10.44 14.23
CA LYS A 215 18.46 11.09 13.60
C LYS A 215 18.29 10.66 12.14
N ASP A 216 19.06 9.67 11.68
CA ASP A 216 19.00 9.22 10.28
C ASP A 216 18.26 7.91 10.19
N PHE A 217 17.36 7.79 9.20
CA PHE A 217 16.49 6.64 9.10
C PHE A 217 16.29 6.29 7.65
N GLN A 218 16.07 5.00 7.42
CA GLN A 218 15.65 4.50 6.11
C GLN A 218 14.14 4.28 6.18
N ILE A 219 13.38 5.03 5.37
CA ILE A 219 11.91 4.97 5.43
C ILE A 219 11.47 4.36 4.10
N SER A 220 10.71 3.26 4.18
CA SER A 220 10.18 2.64 2.96
C SER A 220 8.69 2.99 2.87
N VAL A 221 8.21 3.23 1.68
CA VAL A 221 6.78 3.37 1.43
C VAL A 221 6.52 2.38 0.29
N ASP A 222 5.78 1.32 0.55
CA ASP A 222 5.49 0.36 -0.53
C ASP A 222 6.87 -0.09 -1.04
N HIS A 223 7.18 -0.24 -2.32
CA HIS A 223 8.48 -0.76 -2.74
CA HIS A 223 8.53 -0.82 -2.36
C HIS A 223 9.66 0.21 -2.51
N LEU A 224 9.46 1.42 -2.01
CA LEU A 224 10.39 2.50 -2.29
C LEU A 224 11.09 2.94 -1.00
N SER A 225 12.41 2.78 -0.93
CA SER A 225 13.11 3.03 0.32
C SER A 225 14.03 4.24 0.17
N ILE A 226 13.89 5.24 1.06
CA ILE A 226 14.66 6.49 0.96
C ILE A 226 15.40 6.72 2.26
N LEU A 227 16.66 7.18 2.16
CA LEU A 227 17.38 7.62 3.35
C LEU A 227 16.94 9.03 3.71
N HIS A 228 16.48 9.23 4.94
CA HIS A 228 16.14 10.56 5.42
C HIS A 228 17.13 10.95 6.51
N ARG A 229 17.70 12.14 6.37
CA ARG A 229 18.69 12.63 7.31
C ARG A 229 18.11 13.73 8.20
N ASP A 230 18.64 13.82 9.41
CA ASP A 230 18.27 14.88 10.35
C ASP A 230 16.76 14.89 10.63
N VAL A 231 16.21 13.73 10.91
CA VAL A 231 14.78 13.61 11.13
C VAL A 231 14.43 14.06 12.53
N GLN A 232 13.34 14.82 12.66
CA GLN A 232 12.80 15.20 13.97
C GLN A 232 11.58 14.37 14.34
N GLU A 233 10.83 13.92 13.36
CA GLU A 233 9.56 13.27 13.61
C GLU A 233 9.17 12.49 12.37
N ILE A 234 8.53 11.35 12.57
CA ILE A 234 7.82 10.62 11.51
C ILE A 234 6.41 10.43 12.03
N ARG A 235 5.41 10.91 11.28
CA ARG A 235 4.02 10.92 11.74
C ARG A 235 3.21 10.01 10.82
N TYR A 236 2.42 9.13 11.43
CA TYR A 236 1.54 8.20 10.71
C TYR A 236 0.08 8.51 11.05
N GLU A 237 -0.78 8.57 10.03
CA GLU A 237 -2.20 8.66 10.26
C GLU A 237 -2.91 8.06 9.06
N VAL A 238 -4.13 7.60 9.27
CA VAL A 238 -4.92 7.16 8.12
C VAL A 238 -5.19 8.35 7.22
N SER A 239 -4.94 8.18 5.90
CA SER A 239 -5.17 9.28 5.00
C SER A 239 -6.67 9.55 4.81
N ALA A 240 -6.97 10.81 4.46
CA ALA A 240 -8.28 11.20 3.95
C ALA A 240 -8.53 10.65 2.56
N LYS A 241 -7.47 10.29 1.84
CA LYS A 241 -7.56 9.86 0.43
C LYS A 241 -7.75 8.36 0.38
N LYS A 242 -8.45 7.89 -0.65
CA LYS A 242 -8.72 6.46 -0.76
C LYS A 242 -8.33 6.05 -2.18
N ILE A 243 -8.02 4.75 -2.34
CA ILE A 243 -7.85 4.20 -3.69
C ILE A 243 -9.17 3.56 -4.10
N HIS A 244 -9.52 3.71 -5.36
CA HIS A 244 -10.77 3.19 -5.88
C HIS A 244 -10.47 2.08 -6.87
N PHE A 245 -11.19 0.96 -6.75
CA PHE A 245 -11.09 -0.14 -7.72
C PHE A 245 -12.35 -0.25 -8.57
N ALA A 246 -12.19 -0.55 -9.85
CA ALA A 246 -13.34 -0.97 -10.65
C ALA A 246 -13.67 -2.41 -10.26
N ARG A 247 -14.92 -2.70 -9.90
CA ARG A 247 -15.30 -4.08 -9.62
C ARG A 247 -16.35 -4.56 -10.62
N PHE A 248 -16.13 -5.74 -11.19
CA PHE A 248 -17.07 -6.28 -12.15
C PHE A 248 -17.79 -7.53 -11.68
N ARG A 249 -17.37 -8.10 -10.55
CA ARG A 249 -17.99 -9.30 -10.00
C ARG A 249 -17.55 -9.40 -8.55
N SER A 250 -18.22 -10.26 -7.80
CA SER A 250 -17.83 -10.44 -6.40
C SER A 250 -16.54 -11.25 -6.34
N PHE A 251 -15.55 -10.71 -5.63
CA PHE A 251 -14.39 -11.46 -5.23
C PHE A 251 -14.11 -10.96 -3.81
N PRO A 252 -14.80 -11.53 -2.81
CA PRO A 252 -14.68 -11.02 -1.45
C PRO A 252 -13.26 -11.11 -0.92
N PHE A 253 -12.88 -10.10 -0.12
CA PHE A 253 -11.57 -10.07 0.52
C PHE A 253 -11.24 -11.39 1.20
N TRP A 254 -12.16 -11.92 2.01
CA TRP A 254 -11.83 -13.14 2.73
C TRP A 254 -11.65 -14.32 1.77
N ARG A 255 -12.37 -14.32 0.62
CA ARG A 255 -12.08 -15.37 -0.34
C ARG A 255 -10.69 -15.17 -0.95
N ARG A 256 -10.32 -13.93 -1.24
CA ARG A 256 -9.00 -13.64 -1.76
C ARG A 256 -7.92 -14.08 -0.79
N VAL A 257 -8.14 -13.84 0.52
CA VAL A 257 -7.22 -14.35 1.52
C VAL A 257 -7.16 -15.87 1.48
N HIS A 258 -8.33 -16.54 1.40
CA HIS A 258 -8.31 -18.00 1.37
C HIS A 258 -7.50 -18.49 0.18
N ASP A 259 -7.76 -17.90 -0.98
CA ASP A 259 -7.15 -18.37 -2.21
C ASP A 259 -5.62 -18.16 -2.21
N SER A 260 -5.15 -17.11 -1.56
CA SER A 260 -3.71 -16.79 -1.53
C SER A 260 -2.94 -17.57 -0.48
N PHE A 261 -3.56 -17.82 0.68
CA PHE A 261 -2.85 -18.46 1.77
C PHE A 261 -3.31 -19.86 2.13
N ILE A 262 -4.54 -20.26 1.81
CA ILE A 262 -5.00 -21.55 2.28
C ILE A 262 -4.88 -22.55 1.15
N GLU A 263 -5.49 -22.27 -0.01
CA GLU A 263 -5.48 -23.24 -1.11
C GLU A 263 -6.17 -22.63 -2.32
N ASP A 264 -5.81 -23.05 -3.54
CA ASP A 264 -6.48 -22.49 -4.71
C ASP A 264 -6.33 -23.40 -5.94
C1 CIT B . -15.84 -7.64 0.36
O1 CIT B . -14.83 -8.19 0.86
O2 CIT B . -16.95 -8.18 0.63
C2 CIT B . -15.80 -6.42 -0.54
C3 CIT B . -14.91 -6.53 -1.80
O7 CIT B . -15.04 -7.81 -2.49
C4 CIT B . -15.28 -5.48 -2.86
C5 CIT B . -16.47 -5.92 -3.70
O3 CIT B . -17.61 -5.41 -3.51
O4 CIT B . -16.32 -6.80 -4.60
C6 CIT B . -13.44 -6.35 -1.39
O5 CIT B . -13.11 -5.41 -0.66
O6 CIT B . -12.57 -7.18 -1.77
N1 UZ6 C . 6.96 -9.12 -2.17
C7 UZ6 C . 4.28 -11.25 -3.86
C8 UZ6 C . 2.32 -7.60 -2.19
N2 UZ6 C . 2.15 -8.97 -1.95
C9 UZ6 C . 0.54 -7.77 -1.04
O1 UZ6 C . 4.21 -9.99 -1.85
C1 UZ6 C . 10.03 -9.49 -0.23
O5 UZ6 C . 4.50 -5.36 1.77
C5 UZ6 C . 2.92 -10.10 -2.39
C6 UZ6 C . 3.12 -10.27 -3.90
N3 UZ6 C . 1.37 -6.85 -1.68
C4 UZ6 C . 5.13 -10.67 -2.73
O4 UZ6 C . 6.75 -6.58 -0.43
C3 UZ6 C . 6.14 -9.66 -3.24
O3 UZ6 C . 3.83 -12.54 -3.51
C2 UZ6 C . 8.11 -9.70 -1.77
N4 UZ6 C . 0.47 -10.18 -0.69
N UZ6 C . 8.80 -8.99 -0.86
C UZ6 C . 9.75 -10.64 0.73
O UZ6 C . 8.48 -10.79 -2.20
C10 UZ6 C . 1.01 -9.07 -1.19
C11 UZ6 C . -0.63 -9.91 0.01
C12 UZ6 C . -0.62 -7.60 -0.26
C13 UZ6 C . 3.46 -7.11 -2.87
C14 UZ6 C . 4.39 -6.59 -3.40
C15 UZ6 C . 5.58 -6.08 -4.10
C16 UZ6 C . 7.97 -5.86 -4.13
C17 UZ6 C . 8.46 -7.17 -4.67
C18 UZ6 C . 9.28 -6.99 -5.95
C19 UZ6 C . 6.81 -5.00 -2.23
C20 UZ6 C . 6.07 -5.46 -1.00
C21 UZ6 C . 6.32 -6.68 0.92
C22 UZ6 C . 5.87 -5.29 1.37
C23 UZ6 C . 6.10 -4.43 0.12
C24 UZ6 C . 8.63 -6.64 1.96
C25 UZ6 C . 8.57 -8.42 3.12
C26 UZ6 C . 7.36 -8.35 2.48
C27 UZ6 C . 6.64 -10.19 3.45
C28 UZ6 C . 8.77 -9.51 4.01
N10 UZ6 C . 9.37 -7.33 2.79
N11 UZ6 C . 6.34 -9.21 2.58
N12 UZ6 C . 7.75 -10.39 4.14
N13 UZ6 C . 9.88 -9.70 4.71
N5 UZ6 C . -1.18 -8.72 0.26
N6 UZ6 C . -1.22 -6.44 -0.04
N7 UZ6 C . 6.78 -6.04 -3.28
N8 UZ6 C . 9.34 -8.26 -6.72
N9 UZ6 C . 7.40 -7.21 1.72
O2 UZ6 C . 1.96 -10.82 -4.47
O6 UZ6 C . 5.09 -3.44 -0.03
H17 UZ6 C . 6.62 -8.26 -1.77
H3 UZ6 C . 4.78 -11.40 -4.81
H14 UZ6 C . 10.74 -9.79 -0.99
H15 UZ6 C . 10.52 -8.67 0.30
H35 UZ6 C . 4.50 -5.64 2.72
H1 UZ6 C . 2.43 -10.97 -1.96
H2 UZ6 C . 3.39 -9.36 -4.43
H UZ6 C . 5.60 -11.43 -2.11
H19 UZ6 C . 6.76 -10.14 -4.00
H18 UZ6 C . 5.60 -8.86 -3.74
H21 UZ6 C . 4.29 -13.21 -4.07
H16 UZ6 C . 8.51 -8.05 -0.58
H12 UZ6 C . 9.72 -11.61 0.22
H11 UZ6 C . 8.79 -10.56 1.24
H13 UZ6 C . 10.49 -10.74 1.52
H22 UZ6 C . -1.15 -10.75 0.46
H25 UZ6 C . 5.34 -5.08 -4.48
H26 UZ6 C . 5.73 -6.69 -4.99
H27 UZ6 C . 8.76 -5.36 -3.58
H28 UZ6 C . 7.76 -5.17 -4.94
H30 UZ6 C . 7.63 -7.85 -4.84
H29 UZ6 C . 9.05 -7.69 -3.91
H31 UZ6 C . 10.28 -6.65 -5.71
H32 UZ6 C . 8.84 -6.20 -6.56
H33 UZ6 C . 6.37 -4.06 -2.57
H34 UZ6 C . 7.82 -4.73 -1.94
H7 UZ6 C . 5.06 -5.79 -1.23
H8 UZ6 C . 5.51 -7.40 0.89
H9 UZ6 C . 6.47 -4.91 2.20
H10 UZ6 C . 7.10 -3.99 0.14
H37 UZ6 C . 8.95 -5.71 1.51
H38 UZ6 C . 5.86 -10.94 3.62
H40 UZ6 C . 9.96 -10.50 5.32
H39 UZ6 C . 10.65 -9.04 4.64
H24 UZ6 C . -2.06 -6.38 0.53
H23 UZ6 C . -0.84 -5.58 -0.45
H6 UZ6 C . 9.81 -8.99 -6.19
H4 UZ6 C . 9.84 -8.13 -7.59
H20 UZ6 C . 2.11 -11.80 -4.51
H36 UZ6 C . 4.55 -3.46 0.80
C1 GOL D . 6.21 -8.71 -7.63
O1 GOL D . 4.93 -8.58 -6.96
C2 GOL D . 6.27 -8.54 -9.30
O2 GOL D . 5.67 -9.57 -10.13
C3 GOL D . 5.86 -7.12 -9.73
O3 GOL D . 4.50 -7.18 -9.84
#